data_4BNE
#
_entry.id   4BNE
#
_cell.length_a   101.060
_cell.length_b   105.500
_cell.length_c   125.950
_cell.angle_alpha   90.00
_cell.angle_beta   90.00
_cell.angle_gamma   90.00
#
_symmetry.space_group_name_H-M   'P 21 21 21'
#
loop_
_entity.id
_entity.type
_entity.pdbx_description
1 polymer 'PROTEIN KINASE C AND CASEIN KINASE SUBSTRATE IN NEURONS PROTEIN 2'
2 non-polymer 'SULFATE ION'
3 non-polymer 'TRIETHYLENE GLYCOL'
4 water water
#
_entity_poly.entity_id   1
_entity_poly.type   'polypeptide(L)'
_entity_poly.pdbx_seq_one_letter_code
;GSRRASVGSMSGSYDDSVGVEVSSDSFWEVGNYKRTVKRIDDGHRLCNDLMNCIHERARIEKVYAQQLTEWAKRWKQLVE
KGPQYGTVERAWCAFMSEAEKVSELHLEVKGSLMNEDFEKIKNWQKEAFHKQMMGGFKETKEAEDGFRKAQKPWAKKLKE
VEAAKKAYHAACKEEKLAISRETNSKADPALNPEQLKKLQDKVERSKQDVLKTKAKYEKSLKELDNATPQYMENMEQVFE
QCQQFEEKRLRFFREVLLEVQKHLDLSNVASYKNIYRELEQNIKTADAVEDLRWFRANQGPGMSMNWPQFEDDEWSADLN
RTLSRREKKKASDGVTLTGINQTGDQVSQPNKHSSVSSYEKNQSYPTDWSDEESNNPFSSTDAKGDTNPFDEDTSPVMEV
RVRALYDYEGQEQDELSFKAGDELTKMENEDEQGWCKGRLDNGQVGLYPANYVEPIQ
;
_entity_poly.pdbx_strand_id   A,B
#
# COMPACT_ATOMS: atom_id res chain seq x y z
N SER A 24 36.57 -30.75 -25.82
CA SER A 24 35.40 -29.89 -25.87
C SER A 24 34.58 -29.99 -24.58
N ASP A 25 33.56 -29.15 -24.47
CA ASP A 25 32.69 -29.15 -23.30
C ASP A 25 31.41 -29.92 -23.59
N SER A 26 31.47 -30.81 -24.58
CA SER A 26 30.31 -31.58 -25.01
C SER A 26 29.77 -32.45 -23.88
N PHE A 27 28.44 -32.59 -23.85
CA PHE A 27 27.77 -33.45 -22.88
C PHE A 27 28.23 -34.90 -23.02
N TRP A 28 28.54 -35.28 -24.25
CA TRP A 28 28.90 -36.67 -24.56
C TRP A 28 30.30 -37.05 -24.08
N GLU A 29 31.10 -36.04 -23.72
CA GLU A 29 32.42 -36.32 -23.14
C GLU A 29 32.24 -36.76 -21.69
N VAL A 30 33.22 -37.49 -21.19
CA VAL A 30 33.16 -38.07 -19.85
C VAL A 30 33.03 -36.97 -18.77
N GLY A 31 32.02 -37.12 -17.92
CA GLY A 31 31.87 -36.26 -16.76
C GLY A 31 31.07 -34.98 -16.99
N ASN A 32 30.75 -34.69 -18.23
CA ASN A 32 30.07 -33.43 -18.57
C ASN A 32 28.55 -33.49 -18.38
N TYR A 33 28.06 -34.55 -17.76
CA TYR A 33 26.67 -34.64 -17.36
C TYR A 33 26.42 -33.82 -16.10
N LYS A 34 27.50 -33.28 -15.53
CA LYS A 34 27.45 -32.56 -14.26
C LYS A 34 26.49 -31.37 -14.28
N ARG A 35 26.42 -30.68 -15.41
CA ARG A 35 25.55 -29.51 -15.53
C ARG A 35 24.09 -29.90 -15.35
N THR A 36 23.72 -31.09 -15.84
CA THR A 36 22.37 -31.59 -15.72
C THR A 36 22.07 -31.96 -14.27
N VAL A 37 23.01 -32.65 -13.63
CA VAL A 37 22.86 -33.04 -12.23
C VAL A 37 22.75 -31.82 -11.34
N LYS A 38 23.47 -30.76 -11.70
CA LYS A 38 23.49 -29.54 -10.91
C LYS A 38 22.15 -28.81 -11.01
N ARG A 39 21.48 -28.97 -12.14
CA ARG A 39 20.20 -28.31 -12.37
C ARG A 39 19.16 -28.82 -11.37
N ILE A 40 19.33 -30.04 -10.89
CA ILE A 40 18.42 -30.62 -9.90
C ILE A 40 18.52 -29.85 -8.58
N ASP A 41 19.75 -29.59 -8.13
CA ASP A 41 19.96 -28.85 -6.90
C ASP A 41 19.43 -27.43 -7.01
N ASP A 42 19.67 -26.81 -8.16
CA ASP A 42 19.21 -25.44 -8.40
C ASP A 42 17.70 -25.34 -8.30
N GLY A 43 17.01 -26.42 -8.68
CA GLY A 43 15.57 -26.47 -8.61
C GLY A 43 15.06 -26.23 -7.20
N HIS A 44 15.71 -26.85 -6.23
CA HIS A 44 15.33 -26.70 -4.83
C HIS A 44 15.62 -25.28 -4.34
N ARG A 45 16.79 -24.76 -4.73
CA ARG A 45 17.19 -23.42 -4.33
C ARG A 45 16.23 -22.37 -4.90
N LEU A 46 15.72 -22.62 -6.10
CA LEU A 46 14.81 -21.67 -6.75
C LEU A 46 13.43 -21.68 -6.10
N CYS A 47 13.04 -22.81 -5.51
CA CYS A 47 11.81 -22.87 -4.73
C CYS A 47 11.91 -21.96 -3.52
N ASN A 48 13.07 -21.97 -2.88
CA ASN A 48 13.32 -21.10 -1.73
C ASN A 48 13.27 -19.64 -2.13
N ASP A 49 13.92 -19.30 -3.26
CA ASP A 49 13.91 -17.94 -3.76
C ASP A 49 12.48 -17.47 -4.02
N LEU A 50 11.69 -18.31 -4.69
CA LEU A 50 10.32 -17.95 -5.02
C LEU A 50 9.46 -17.79 -3.77
N MET A 51 9.68 -18.65 -2.78
CA MET A 51 8.96 -18.57 -1.52
C MET A 51 9.30 -17.28 -0.76
N ASN A 52 10.59 -16.99 -0.68
CA ASN A 52 11.05 -15.76 -0.02
C ASN A 52 10.59 -14.53 -0.78
N CYS A 53 10.54 -14.64 -2.10
CA CYS A 53 10.11 -13.55 -2.96
C CYS A 53 8.64 -13.19 -2.69
N ILE A 54 7.80 -14.22 -2.58
CA ILE A 54 6.39 -14.02 -2.29
C ILE A 54 6.20 -13.57 -0.85
N HIS A 55 6.96 -14.19 0.05
CA HIS A 55 6.89 -13.88 1.48
C HIS A 55 7.17 -12.39 1.73
N GLU A 56 8.18 -11.85 1.06
CA GLU A 56 8.58 -10.47 1.27
C GLU A 56 7.58 -9.50 0.65
N ARG A 57 6.93 -9.92 -0.43
CA ARG A 57 5.89 -9.11 -1.05
C ARG A 57 4.68 -9.06 -0.13
N ALA A 58 4.40 -10.19 0.52
CA ALA A 58 3.26 -10.29 1.44
C ALA A 58 3.45 -9.34 2.62
N ARG A 59 4.69 -9.21 3.08
CA ARG A 59 5.00 -8.34 4.21
C ARG A 59 4.72 -6.87 3.86
N ILE A 60 5.00 -6.51 2.61
CA ILE A 60 4.77 -5.15 2.15
C ILE A 60 3.27 -4.85 2.14
N GLU A 61 2.47 -5.85 1.81
CA GLU A 61 1.02 -5.69 1.80
C GLU A 61 0.54 -5.43 3.23
N LYS A 62 1.06 -6.19 4.18
CA LYS A 62 0.65 -6.09 5.58
C LYS A 62 0.99 -4.71 6.15
N VAL A 63 2.17 -4.20 5.83
CA VAL A 63 2.61 -2.89 6.33
C VAL A 63 1.68 -1.81 5.84
N TYR A 64 1.29 -1.90 4.57
CA TYR A 64 0.37 -0.94 3.97
C TYR A 64 -0.97 -1.00 4.67
N ALA A 65 -1.44 -2.21 4.95
CA ALA A 65 -2.71 -2.41 5.61
C ALA A 65 -2.69 -1.87 7.04
N GLN A 66 -1.55 -2.04 7.72
CA GLN A 66 -1.42 -1.59 9.09
C GLN A 66 -1.40 -0.07 9.19
N GLN A 67 -0.64 0.58 8.31
CA GLN A 67 -0.53 2.03 8.33
C GLN A 67 -1.86 2.70 8.01
N LEU A 68 -2.62 2.10 7.10
CA LEU A 68 -3.95 2.61 6.77
C LEU A 68 -4.87 2.50 7.98
N THR A 69 -4.80 1.36 8.66
CA THR A 69 -5.61 1.11 9.84
C THR A 69 -5.36 2.17 10.92
N GLU A 70 -4.09 2.41 11.22
CA GLU A 70 -3.73 3.38 12.23
C GLU A 70 -4.12 4.81 11.83
N TRP A 71 -3.97 5.11 10.55
CA TRP A 71 -4.36 6.42 10.03
C TRP A 71 -5.87 6.62 10.18
N ALA A 72 -6.62 5.55 9.93
CA ALA A 72 -8.07 5.58 10.04
C ALA A 72 -8.51 5.73 11.50
N LYS A 73 -7.88 4.96 12.39
CA LYS A 73 -8.18 5.02 13.81
C LYS A 73 -7.83 6.41 14.34
N ARG A 74 -6.67 6.91 13.95
CA ARG A 74 -6.18 8.20 14.42
C ARG A 74 -7.14 9.33 14.08
N TRP A 75 -7.57 9.38 12.82
CA TRP A 75 -8.35 10.51 12.34
C TRP A 75 -9.85 10.38 12.61
N LYS A 76 -10.34 9.15 12.78
CA LYS A 76 -11.72 8.98 13.22
C LYS A 76 -11.86 9.56 14.62
N GLN A 77 -10.78 9.54 15.38
CA GLN A 77 -10.78 10.06 16.74
C GLN A 77 -10.62 11.57 16.74
N LEU A 78 -9.70 12.07 15.92
CA LEU A 78 -9.44 13.51 15.83
C LEU A 78 -10.65 14.27 15.30
N VAL A 79 -11.33 13.69 14.32
CA VAL A 79 -12.49 14.34 13.71
C VAL A 79 -13.67 14.38 14.69
N GLU A 80 -13.86 13.29 15.44
CA GLU A 80 -14.99 13.19 16.36
C GLU A 80 -14.80 14.08 17.59
N LYS A 81 -13.56 14.22 18.04
CA LYS A 81 -13.25 15.11 19.16
C LYS A 81 -13.16 16.56 18.70
N GLY A 82 -13.07 16.77 17.39
CA GLY A 82 -12.97 18.10 16.83
C GLY A 82 -14.33 18.76 16.68
N PRO A 83 -14.33 20.04 16.27
CA PRO A 83 -15.54 20.88 16.17
C PRO A 83 -16.42 20.61 14.95
N GLN A 84 -16.01 19.69 14.07
CA GLN A 84 -16.82 19.34 12.90
C GLN A 84 -17.90 18.34 13.29
N TYR A 85 -19.14 18.66 12.95
CA TYR A 85 -20.29 17.80 13.25
C TYR A 85 -21.21 17.68 12.04
N GLY A 86 -22.36 17.04 12.24
CA GLY A 86 -23.38 16.95 11.21
C GLY A 86 -23.03 15.99 10.09
N THR A 87 -23.56 16.27 8.90
CA THR A 87 -23.43 15.38 7.76
C THR A 87 -22.03 15.44 7.15
N VAL A 88 -21.37 16.59 7.30
CA VAL A 88 -20.01 16.75 6.78
C VAL A 88 -19.03 15.91 7.61
N GLU A 89 -19.29 15.82 8.90
CA GLU A 89 -18.49 14.98 9.77
C GLU A 89 -18.59 13.53 9.31
N ARG A 90 -19.82 13.09 9.02
CA ARG A 90 -20.08 11.73 8.58
C ARG A 90 -19.41 11.46 7.23
N ALA A 91 -19.40 12.47 6.37
CA ALA A 91 -18.77 12.35 5.05
C ALA A 91 -17.26 12.20 5.23
N TRP A 92 -16.70 13.02 6.10
CA TRP A 92 -15.28 12.98 6.41
C TRP A 92 -14.92 11.62 6.98
N CYS A 93 -15.76 11.10 7.87
CA CYS A 93 -15.49 9.80 8.50
C CYS A 93 -15.55 8.65 7.49
N ALA A 94 -16.30 8.83 6.41
CA ALA A 94 -16.39 7.81 5.37
C ALA A 94 -15.04 7.63 4.70
N PHE A 95 -14.23 8.69 4.69
CA PHE A 95 -12.88 8.65 4.15
C PHE A 95 -12.03 7.66 4.93
N MET A 96 -12.13 7.69 6.25
CA MET A 96 -11.35 6.78 7.09
C MET A 96 -11.83 5.36 6.86
N SER A 97 -13.16 5.19 6.77
CA SER A 97 -13.77 3.89 6.58
C SER A 97 -13.28 3.23 5.29
N GLU A 98 -12.94 4.06 4.30
CA GLU A 98 -12.40 3.56 3.04
C GLU A 98 -11.04 2.91 3.27
N ALA A 99 -10.20 3.55 4.08
CA ALA A 99 -8.87 3.02 4.37
C ALA A 99 -8.95 1.71 5.14
N GLU A 100 -9.94 1.61 6.04
CA GLU A 100 -10.13 0.41 6.82
C GLU A 100 -10.50 -0.77 5.94
N LYS A 101 -11.22 -0.49 4.85
CA LYS A 101 -11.66 -1.52 3.93
C LYS A 101 -10.55 -1.93 2.95
N VAL A 102 -9.77 -0.95 2.49
CA VAL A 102 -8.62 -1.23 1.64
C VAL A 102 -7.62 -2.05 2.44
N SER A 103 -7.40 -1.65 3.69
CA SER A 103 -6.53 -2.38 4.60
C SER A 103 -6.94 -3.84 4.68
N GLU A 104 -8.23 -4.07 4.92
CA GLU A 104 -8.78 -5.42 5.02
C GLU A 104 -8.54 -6.17 3.72
N LEU A 105 -8.69 -5.48 2.61
CA LEU A 105 -8.52 -6.09 1.29
C LEU A 105 -7.08 -6.53 1.07
N HIS A 106 -6.13 -5.72 1.54
CA HIS A 106 -4.71 -6.03 1.35
C HIS A 106 -4.24 -7.11 2.33
N LEU A 107 -4.92 -7.24 3.46
CA LEU A 107 -4.61 -8.31 4.41
C LEU A 107 -5.11 -9.65 3.87
N GLU A 108 -6.09 -9.60 2.98
CA GLU A 108 -6.58 -10.80 2.30
C GLU A 108 -5.56 -11.24 1.25
N VAL A 109 -4.93 -10.27 0.60
CA VAL A 109 -3.87 -10.55 -0.35
C VAL A 109 -2.71 -11.25 0.37
N LYS A 110 -2.29 -10.65 1.49
CA LYS A 110 -1.23 -11.22 2.30
C LYS A 110 -1.56 -12.65 2.71
N GLY A 111 -2.80 -12.86 3.16
CA GLY A 111 -3.24 -14.18 3.58
C GLY A 111 -3.22 -15.18 2.44
N SER A 112 -3.66 -14.75 1.26
CA SER A 112 -3.67 -15.62 0.10
C SER A 112 -2.26 -15.98 -0.34
N LEU A 113 -1.37 -14.98 -0.38
CA LEU A 113 0.00 -15.20 -0.80
C LEU A 113 0.71 -16.19 0.13
N MET A 114 0.36 -16.15 1.41
CA MET A 114 1.05 -16.96 2.42
C MET A 114 0.37 -18.30 2.67
N ASN A 115 -0.95 -18.29 2.81
CA ASN A 115 -1.69 -19.51 3.16
C ASN A 115 -1.94 -20.42 1.97
N GLU A 116 -1.93 -19.85 0.76
CA GLU A 116 -2.17 -20.63 -0.45
C GLU A 116 -0.91 -20.76 -1.30
N ASP A 117 -0.44 -19.65 -1.84
CA ASP A 117 0.68 -19.66 -2.80
C ASP A 117 1.99 -20.11 -2.15
N PHE A 118 2.41 -19.42 -1.09
CA PHE A 118 3.64 -19.75 -0.39
C PHE A 118 3.61 -21.18 0.12
N GLU A 119 2.47 -21.57 0.71
CA GLU A 119 2.32 -22.91 1.28
C GLU A 119 2.32 -23.98 0.21
N LYS A 120 1.84 -23.63 -0.98
CA LYS A 120 1.78 -24.57 -2.10
C LYS A 120 3.18 -24.93 -2.57
N ILE A 121 4.06 -23.94 -2.62
CA ILE A 121 5.45 -24.16 -3.02
C ILE A 121 6.16 -24.99 -1.97
N LYS A 122 5.88 -24.70 -0.70
CA LYS A 122 6.52 -25.41 0.40
C LYS A 122 6.20 -26.89 0.36
N ASN A 123 4.94 -27.22 0.10
CA ASN A 123 4.51 -28.61 0.02
C ASN A 123 5.06 -29.31 -1.22
N TRP A 124 5.09 -28.59 -2.34
CA TRP A 124 5.62 -29.14 -3.57
C TRP A 124 7.09 -29.48 -3.42
N GLN A 125 7.84 -28.56 -2.84
CA GLN A 125 9.27 -28.74 -2.60
C GLN A 125 9.52 -29.94 -1.69
N LYS A 126 8.73 -30.02 -0.62
CA LYS A 126 8.83 -31.11 0.34
C LYS A 126 8.64 -32.48 -0.33
N GLU A 127 7.82 -32.50 -1.38
CA GLU A 127 7.46 -33.74 -2.03
C GLU A 127 8.41 -34.10 -3.16
N ALA A 128 9.04 -33.07 -3.75
CA ALA A 128 9.88 -33.26 -4.93
C ALA A 128 11.33 -33.56 -4.53
N PHE A 129 11.79 -32.92 -3.45
CA PHE A 129 13.16 -33.06 -3.00
C PHE A 129 13.23 -33.72 -1.62
N HIS A 130 14.11 -34.70 -1.50
CA HIS A 130 14.29 -35.43 -0.24
C HIS A 130 15.76 -35.42 0.16
N LYS A 131 16.04 -34.77 1.28
CA LYS A 131 17.41 -34.68 1.78
C LYS A 131 17.87 -36.00 2.35
N GLN A 132 19.11 -36.39 2.04
CA GLN A 132 19.67 -37.62 2.57
C GLN A 132 20.53 -37.32 3.78
N MET A 133 20.79 -38.34 4.58
CA MET A 133 21.50 -38.21 5.85
C MET A 133 22.87 -37.57 5.67
N MET A 134 23.59 -37.97 4.63
CA MET A 134 24.94 -37.49 4.38
C MET A 134 24.97 -36.17 3.62
N GLY A 135 23.82 -35.51 3.54
CA GLY A 135 23.70 -34.24 2.83
C GLY A 135 23.35 -34.46 1.36
N GLY A 136 22.83 -33.42 0.73
CA GLY A 136 22.41 -33.50 -0.65
C GLY A 136 21.02 -34.10 -0.76
N PHE A 137 20.50 -34.16 -1.97
CA PHE A 137 19.16 -34.68 -2.22
C PHE A 137 19.20 -36.05 -2.89
N LYS A 138 18.28 -36.92 -2.47
CA LYS A 138 18.16 -38.24 -3.06
C LYS A 138 17.99 -38.17 -4.56
N GLU A 139 17.29 -37.14 -5.02
CA GLU A 139 17.00 -36.96 -6.44
C GLU A 139 18.29 -36.68 -7.22
N THR A 140 19.21 -35.94 -6.61
CA THR A 140 20.46 -35.59 -7.26
C THR A 140 21.40 -36.78 -7.35
N LYS A 141 21.46 -37.58 -6.29
CA LYS A 141 22.32 -38.75 -6.27
C LYS A 141 21.85 -39.78 -7.30
N GLU A 142 20.54 -39.88 -7.49
CA GLU A 142 19.98 -40.81 -8.47
C GLU A 142 20.46 -40.49 -9.87
N ALA A 143 20.43 -39.21 -10.23
CA ALA A 143 20.88 -38.78 -11.54
C ALA A 143 22.37 -38.98 -11.67
N GLU A 144 23.11 -38.64 -10.61
CA GLU A 144 24.55 -38.81 -10.58
C GLU A 144 24.94 -40.26 -10.85
N ASP A 145 24.36 -41.18 -10.08
CA ASP A 145 24.67 -42.60 -10.21
C ASP A 145 24.21 -43.15 -11.55
N GLY A 146 23.06 -42.69 -12.02
CA GLY A 146 22.52 -43.13 -13.30
C GLY A 146 23.44 -42.81 -14.45
N PHE A 147 23.99 -41.59 -14.46
CA PHE A 147 24.93 -41.18 -15.49
C PHE A 147 26.21 -41.99 -15.42
N ARG A 148 26.76 -42.13 -14.21
CA ARG A 148 28.00 -42.88 -14.02
C ARG A 148 27.84 -44.32 -14.50
N LYS A 149 26.73 -44.95 -14.10
CA LYS A 149 26.48 -46.34 -14.48
C LYS A 149 26.41 -46.50 -15.99
N ALA A 150 25.87 -45.50 -16.67
CA ALA A 150 25.67 -45.56 -18.12
C ALA A 150 26.93 -45.18 -18.88
N GLN A 151 27.86 -44.50 -18.22
CA GLN A 151 29.06 -43.99 -18.87
C GLN A 151 30.27 -44.89 -18.63
N LYS A 152 30.25 -45.63 -17.52
CA LYS A 152 31.40 -46.43 -17.10
C LYS A 152 31.90 -47.42 -18.16
N PRO A 153 30.99 -48.21 -18.76
CA PRO A 153 31.50 -49.19 -19.73
C PRO A 153 32.03 -48.56 -21.01
N TRP A 154 31.55 -47.38 -21.36
CA TRP A 154 32.02 -46.68 -22.55
C TRP A 154 33.36 -46.02 -22.28
N ALA A 155 33.52 -45.49 -21.08
CA ALA A 155 34.76 -44.85 -20.68
C ALA A 155 35.86 -45.90 -20.55
N LYS A 156 35.48 -47.10 -20.13
CA LYS A 156 36.43 -48.20 -19.96
C LYS A 156 36.99 -48.64 -21.31
N LYS A 157 36.16 -48.61 -22.35
CA LYS A 157 36.60 -48.96 -23.69
C LYS A 157 37.41 -47.81 -24.29
N LEU A 158 37.07 -46.59 -23.90
CA LEU A 158 37.78 -45.41 -24.38
C LEU A 158 39.22 -45.41 -23.88
N LYS A 159 39.42 -45.86 -22.64
CA LYS A 159 40.75 -45.95 -22.06
C LYS A 159 41.61 -46.94 -22.83
N GLU A 160 41.02 -48.06 -23.23
CA GLU A 160 41.72 -49.08 -23.98
C GLU A 160 42.11 -48.58 -25.36
N VAL A 161 41.24 -47.78 -25.98
CA VAL A 161 41.53 -47.17 -27.28
C VAL A 161 42.75 -46.27 -27.16
N GLU A 162 42.76 -45.43 -26.13
CA GLU A 162 43.85 -44.48 -25.92
C GLU A 162 45.17 -45.22 -25.69
N ALA A 163 45.08 -46.40 -25.07
CA ALA A 163 46.27 -47.21 -24.83
C ALA A 163 46.76 -47.82 -26.13
N ALA A 164 45.82 -48.30 -26.95
CA ALA A 164 46.15 -48.91 -28.23
C ALA A 164 46.65 -47.84 -29.21
N LYS A 165 46.19 -46.61 -29.03
CA LYS A 165 46.61 -45.52 -29.89
C LYS A 165 48.08 -45.20 -29.67
N LYS A 166 48.49 -45.14 -28.40
CA LYS A 166 49.87 -44.85 -28.05
C LYS A 166 50.81 -45.95 -28.56
N ALA A 167 50.42 -47.20 -28.35
CA ALA A 167 51.23 -48.34 -28.76
C ALA A 167 51.45 -48.36 -30.27
N TYR A 168 50.48 -47.83 -31.00
CA TYR A 168 50.57 -47.76 -32.46
C TYR A 168 51.46 -46.60 -32.89
N HIS A 169 51.29 -45.45 -32.26
CA HIS A 169 52.10 -44.28 -32.56
C HIS A 169 53.56 -44.51 -32.22
N ALA A 170 53.79 -45.20 -31.11
CA ALA A 170 55.16 -45.51 -30.69
C ALA A 170 55.81 -46.50 -31.65
N ALA A 171 55.00 -47.38 -32.22
CA ALA A 171 55.48 -48.35 -33.19
C ALA A 171 55.85 -47.65 -34.50
N CYS A 172 55.16 -46.56 -34.79
CA CYS A 172 55.44 -45.77 -35.99
C CYS A 172 56.76 -45.02 -35.83
N LYS A 173 57.10 -44.64 -34.60
CA LYS A 173 58.35 -43.97 -34.33
C LYS A 173 59.52 -44.94 -34.39
N GLU A 174 59.41 -46.03 -33.64
CA GLU A 174 60.46 -47.04 -33.59
C GLU A 174 60.77 -47.59 -34.98
N GLU A 175 59.80 -47.51 -35.88
CA GLU A 175 59.98 -47.96 -37.26
C GLU A 175 60.77 -46.93 -38.04
N LYS A 176 60.33 -45.68 -38.00
CA LYS A 176 60.99 -44.59 -38.71
C LYS A 176 62.47 -44.48 -38.31
N LEU A 177 62.75 -44.81 -37.05
CA LEU A 177 64.13 -44.82 -36.56
C LEU A 177 64.93 -45.95 -37.23
N ALA A 178 64.27 -47.08 -37.46
CA ALA A 178 64.93 -48.23 -38.08
C ALA A 178 65.26 -47.94 -39.53
N ILE A 179 64.32 -47.36 -40.27
CA ILE A 179 64.54 -46.99 -41.67
C ILE A 179 65.64 -45.93 -41.75
N SER A 180 65.61 -45.00 -40.80
CA SER A 180 66.59 -43.93 -40.74
C SER A 180 68.00 -44.50 -40.52
N ARG A 181 68.13 -45.35 -39.52
CA ARG A 181 69.42 -45.94 -39.18
C ARG A 181 69.89 -46.93 -40.24
N GLU A 182 68.96 -47.40 -41.06
CA GLU A 182 69.29 -48.33 -42.14
C GLU A 182 69.94 -47.57 -43.29
N THR A 183 69.35 -46.43 -43.64
CA THR A 183 69.87 -45.62 -44.75
C THR A 183 71.08 -44.81 -44.31
N ASN A 184 71.20 -44.58 -43.00
CA ASN A 184 72.35 -43.86 -42.46
C ASN A 184 73.58 -44.76 -42.35
N SER A 185 73.41 -46.04 -42.67
CA SER A 185 74.52 -46.99 -42.70
C SER A 185 74.97 -47.22 -44.14
N LYS A 186 74.17 -46.76 -45.09
CA LYS A 186 74.52 -46.85 -46.51
C LYS A 186 75.58 -45.81 -46.87
N ALA A 187 75.95 -44.98 -45.90
CA ALA A 187 77.01 -43.99 -46.07
C ALA A 187 78.10 -44.22 -45.04
N ASP A 188 78.45 -45.49 -44.84
CA ASP A 188 79.50 -45.88 -43.91
C ASP A 188 80.46 -46.85 -44.62
N PRO A 189 81.72 -46.43 -44.83
CA PRO A 189 82.68 -47.28 -45.55
C PRO A 189 82.86 -48.66 -44.93
N ALA A 190 82.75 -48.75 -43.61
CA ALA A 190 82.95 -50.02 -42.91
C ALA A 190 81.66 -50.82 -42.83
N LEU A 191 80.93 -50.88 -43.94
CA LEU A 191 79.70 -51.64 -44.00
C LEU A 191 80.01 -53.14 -44.03
N ASN A 192 79.02 -53.95 -43.69
CA ASN A 192 79.21 -55.39 -43.60
C ASN A 192 77.89 -56.12 -43.88
N PRO A 193 77.89 -57.08 -44.81
CA PRO A 193 76.67 -57.85 -45.11
C PRO A 193 75.98 -58.44 -43.88
N GLU A 194 76.72 -58.59 -42.78
CA GLU A 194 76.13 -59.11 -41.54
C GLU A 194 75.33 -58.03 -40.82
N GLN A 195 75.93 -56.85 -40.63
CA GLN A 195 75.26 -55.77 -39.92
C GLN A 195 74.14 -55.15 -40.77
N LEU A 196 74.19 -55.41 -42.08
CA LEU A 196 73.11 -54.98 -42.96
C LEU A 196 71.90 -55.88 -42.75
N LYS A 197 72.14 -57.19 -42.82
CA LYS A 197 71.09 -58.18 -42.58
C LYS A 197 70.47 -57.96 -41.19
N LYS A 198 71.32 -57.63 -40.23
CA LYS A 198 70.88 -57.43 -38.85
C LYS A 198 69.93 -56.25 -38.74
N LEU A 199 70.30 -55.13 -39.36
CA LEU A 199 69.53 -53.90 -39.23
C LEU A 199 68.41 -53.80 -40.26
N GLN A 200 68.46 -54.65 -41.29
CA GLN A 200 67.35 -54.73 -42.25
C GLN A 200 66.23 -55.60 -41.69
N ASP A 201 66.56 -56.40 -40.68
CA ASP A 201 65.58 -57.24 -40.02
C ASP A 201 64.84 -56.47 -38.93
N LYS A 202 65.55 -55.52 -38.30
CA LYS A 202 64.92 -54.65 -37.31
C LYS A 202 63.87 -53.79 -38.00
N VAL A 203 64.14 -53.39 -39.24
CA VAL A 203 63.19 -52.63 -40.03
C VAL A 203 61.95 -53.48 -40.29
N GLU A 204 62.14 -54.80 -40.39
CA GLU A 204 61.06 -55.70 -40.69
C GLU A 204 60.25 -56.06 -39.43
N ARG A 205 60.92 -56.06 -38.28
CA ARG A 205 60.24 -56.31 -37.01
C ARG A 205 59.38 -55.12 -36.62
N SER A 206 59.92 -53.92 -36.76
CA SER A 206 59.18 -52.71 -36.46
C SER A 206 58.03 -52.53 -37.43
N LYS A 207 58.21 -53.03 -38.65
CA LYS A 207 57.16 -52.94 -39.67
C LYS A 207 55.97 -53.82 -39.31
N GLN A 208 56.25 -55.05 -38.90
CA GLN A 208 55.18 -55.97 -38.53
C GLN A 208 54.66 -55.64 -37.13
N ASP A 209 55.47 -54.96 -36.34
CA ASP A 209 55.05 -54.49 -35.03
C ASP A 209 54.06 -53.34 -35.18
N VAL A 210 54.18 -52.61 -36.28
CA VAL A 210 53.28 -51.50 -36.58
C VAL A 210 51.89 -52.02 -36.96
N LEU A 211 51.84 -52.95 -37.90
CA LEU A 211 50.57 -53.45 -38.41
C LEU A 211 49.78 -54.23 -37.35
N LYS A 212 50.50 -54.79 -36.39
CA LYS A 212 49.84 -55.46 -35.27
C LYS A 212 49.14 -54.43 -34.40
N THR A 213 49.88 -53.40 -33.99
CA THR A 213 49.33 -52.33 -33.17
C THR A 213 48.24 -51.56 -33.93
N LYS A 214 48.39 -51.49 -35.24
CA LYS A 214 47.38 -50.86 -36.09
C LYS A 214 46.10 -51.68 -36.04
N ALA A 215 46.25 -53.01 -36.08
CA ALA A 215 45.11 -53.90 -36.06
C ALA A 215 44.44 -53.91 -34.68
N LYS A 216 45.24 -53.74 -33.64
CA LYS A 216 44.72 -53.68 -32.28
C LYS A 216 44.03 -52.33 -32.04
N TYR A 217 44.67 -51.27 -32.52
CA TYR A 217 44.13 -49.92 -32.37
C TYR A 217 42.84 -49.76 -33.16
N GLU A 218 42.74 -50.45 -34.29
CA GLU A 218 41.53 -50.43 -35.09
C GLU A 218 40.42 -51.27 -34.44
N LYS A 219 40.81 -52.37 -33.82
CA LYS A 219 39.87 -53.27 -33.17
C LYS A 219 39.28 -52.63 -31.91
N SER A 220 40.08 -51.82 -31.23
CA SER A 220 39.62 -51.12 -30.03
C SER A 220 38.57 -50.07 -30.41
N LEU A 221 38.79 -49.41 -31.55
CA LEU A 221 37.85 -48.41 -32.05
C LEU A 221 36.56 -49.06 -32.49
N LYS A 222 36.67 -50.24 -33.10
CA LYS A 222 35.50 -50.96 -33.59
C LYS A 222 34.63 -51.41 -32.41
N GLU A 223 35.28 -51.80 -31.33
CA GLU A 223 34.56 -52.20 -30.11
C GLU A 223 33.90 -50.99 -29.47
N LEU A 224 34.57 -49.83 -29.56
CA LEU A 224 34.03 -48.60 -29.00
C LEU A 224 32.80 -48.16 -29.79
N ASP A 225 32.83 -48.37 -31.09
CA ASP A 225 31.72 -47.99 -31.96
C ASP A 225 30.51 -48.90 -31.73
N ASN A 226 30.75 -50.13 -31.28
CA ASN A 226 29.67 -51.05 -30.98
C ASN A 226 29.02 -50.76 -29.63
N ALA A 227 29.78 -50.12 -28.75
CA ALA A 227 29.30 -49.81 -27.40
C ALA A 227 28.69 -48.41 -27.34
N THR A 228 28.80 -47.66 -28.43
CA THR A 228 28.31 -46.28 -28.48
C THR A 228 26.78 -46.19 -28.50
N PRO A 229 26.12 -47.07 -29.29
CA PRO A 229 24.65 -47.01 -29.32
C PRO A 229 24.01 -47.18 -27.95
N GLN A 230 24.45 -48.19 -27.20
CA GLN A 230 23.90 -48.43 -25.86
C GLN A 230 24.30 -47.29 -24.92
N TYR A 231 25.50 -46.75 -25.14
CA TYR A 231 25.98 -45.64 -24.33
C TYR A 231 25.05 -44.44 -24.49
N MET A 232 24.68 -44.14 -25.74
CA MET A 232 23.80 -43.01 -26.02
C MET A 232 22.37 -43.29 -25.55
N GLU A 233 21.95 -44.54 -25.67
CA GLU A 233 20.61 -44.94 -25.26
C GLU A 233 20.45 -44.80 -23.75
N ASN A 234 21.45 -45.30 -23.01
CA ASN A 234 21.41 -45.25 -21.56
C ASN A 234 21.58 -43.82 -21.03
N MET A 235 22.34 -43.01 -21.74
CA MET A 235 22.54 -41.62 -21.35
C MET A 235 21.29 -40.80 -21.59
N GLU A 236 20.62 -41.06 -22.71
CA GLU A 236 19.37 -40.38 -23.03
C GLU A 236 18.28 -40.74 -22.01
N GLN A 237 18.29 -41.99 -21.58
CA GLN A 237 17.29 -42.50 -20.64
C GLN A 237 17.33 -41.73 -19.32
N VAL A 238 18.53 -41.56 -18.78
CA VAL A 238 18.71 -40.84 -17.52
C VAL A 238 18.46 -39.34 -17.71
N PHE A 239 18.89 -38.81 -18.85
CA PHE A 239 18.70 -37.38 -19.13
C PHE A 239 17.23 -37.05 -19.34
N GLU A 240 16.50 -37.96 -19.96
CA GLU A 240 15.07 -37.75 -20.21
C GLU A 240 14.32 -37.68 -18.89
N GLN A 241 14.76 -38.48 -17.92
CA GLN A 241 14.16 -38.45 -16.59
C GLN A 241 14.45 -37.12 -15.89
N CYS A 242 15.62 -36.56 -16.16
CA CYS A 242 15.99 -35.27 -15.59
C CYS A 242 15.16 -34.16 -16.22
N GLN A 243 14.85 -34.30 -17.50
CA GLN A 243 14.03 -33.33 -18.21
C GLN A 243 12.60 -33.33 -17.66
N GLN A 244 12.09 -34.53 -17.40
CA GLN A 244 10.76 -34.68 -16.84
C GLN A 244 10.68 -33.98 -15.48
N PHE A 245 11.65 -34.28 -14.62
CA PHE A 245 11.69 -33.71 -13.29
C PHE A 245 11.75 -32.18 -13.36
N GLU A 246 12.48 -31.68 -14.35
CA GLU A 246 12.60 -30.24 -14.54
C GLU A 246 11.30 -29.66 -15.10
N GLU A 247 10.65 -30.40 -15.98
CA GLU A 247 9.39 -29.94 -16.58
C GLU A 247 8.33 -29.68 -15.50
N LYS A 248 8.31 -30.53 -14.49
CA LYS A 248 7.34 -30.40 -13.41
C LYS A 248 7.54 -29.10 -12.64
N ARG A 249 8.81 -28.72 -12.46
CA ARG A 249 9.14 -27.51 -11.73
C ARG A 249 8.73 -26.28 -12.53
N LEU A 250 9.06 -26.29 -13.82
CA LEU A 250 8.77 -25.16 -14.70
C LEU A 250 7.27 -24.93 -14.82
N ARG A 251 6.52 -26.00 -15.08
CA ARG A 251 5.07 -25.90 -15.20
C ARG A 251 4.45 -25.49 -13.89
N PHE A 252 5.05 -25.94 -12.78
CA PHE A 252 4.57 -25.58 -11.45
C PHE A 252 4.74 -24.08 -11.21
N PHE A 253 5.93 -23.58 -11.54
CA PHE A 253 6.24 -22.16 -11.40
C PHE A 253 5.24 -21.31 -12.19
N ARG A 254 4.87 -21.79 -13.38
CA ARG A 254 3.92 -21.09 -14.23
C ARG A 254 2.55 -21.08 -13.57
N GLU A 255 2.20 -22.20 -12.94
CA GLU A 255 0.90 -22.34 -12.29
C GLU A 255 0.81 -21.44 -11.06
N VAL A 256 1.84 -21.46 -10.23
CA VAL A 256 1.87 -20.65 -9.02
C VAL A 256 1.79 -19.16 -9.35
N LEU A 257 2.67 -18.70 -10.24
CA LEU A 257 2.72 -17.29 -10.60
C LEU A 257 1.36 -16.79 -11.10
N LEU A 258 0.65 -17.64 -11.84
CA LEU A 258 -0.67 -17.27 -12.34
C LEU A 258 -1.68 -17.18 -11.20
N GLU A 259 -1.44 -17.93 -10.13
CA GLU A 259 -2.30 -17.88 -8.96
C GLU A 259 -1.94 -16.68 -8.09
N VAL A 260 -0.68 -16.26 -8.17
CA VAL A 260 -0.21 -15.09 -7.45
C VAL A 260 -0.79 -13.81 -8.04
N GLN A 261 -0.81 -13.72 -9.37
CA GLN A 261 -1.29 -12.53 -10.04
C GLN A 261 -2.80 -12.35 -9.83
N LYS A 262 -3.50 -13.46 -9.67
CA LYS A 262 -4.93 -13.40 -9.35
C LYS A 262 -5.14 -12.81 -7.97
N HIS A 263 -4.34 -13.25 -7.01
CA HIS A 263 -4.46 -12.80 -5.62
C HIS A 263 -4.07 -11.34 -5.44
N LEU A 264 -3.24 -10.82 -6.34
CA LEU A 264 -2.79 -9.44 -6.28
C LEU A 264 -3.76 -8.51 -7.01
N ASP A 265 -4.46 -9.06 -7.99
CA ASP A 265 -5.33 -8.27 -8.85
C ASP A 265 -6.64 -7.92 -8.16
N LEU A 266 -6.73 -6.68 -7.68
CA LEU A 266 -7.94 -6.19 -7.04
C LEU A 266 -8.90 -5.58 -8.05
N SER A 267 -8.43 -5.38 -9.28
CA SER A 267 -9.26 -4.79 -10.32
C SER A 267 -10.39 -5.75 -10.73
N ASN A 268 -10.25 -7.02 -10.35
CA ASN A 268 -11.27 -8.02 -10.65
C ASN A 268 -12.43 -7.95 -9.67
N VAL A 269 -12.13 -8.23 -8.41
CA VAL A 269 -13.16 -8.30 -7.36
C VAL A 269 -14.01 -7.04 -7.29
N ALA A 270 -15.32 -7.24 -7.13
CA ALA A 270 -16.27 -6.13 -7.08
C ALA A 270 -16.17 -5.39 -5.76
N SER A 271 -15.71 -6.08 -4.72
CA SER A 271 -15.59 -5.49 -3.40
C SER A 271 -14.72 -4.24 -3.41
N TYR A 272 -13.65 -4.25 -4.21
CA TYR A 272 -12.77 -3.11 -4.31
C TYR A 272 -13.48 -1.93 -4.96
N LYS A 273 -14.32 -2.23 -5.95
CA LYS A 273 -15.07 -1.20 -6.66
C LYS A 273 -16.20 -0.66 -5.79
N ASN A 274 -16.70 -1.49 -4.89
CA ASN A 274 -17.78 -1.10 -3.99
C ASN A 274 -17.31 -0.11 -2.94
N ILE A 275 -16.06 -0.25 -2.51
CA ILE A 275 -15.47 0.62 -1.51
C ILE A 275 -15.62 2.09 -1.92
N TYR A 276 -15.38 2.36 -3.20
CA TYR A 276 -15.37 3.72 -3.70
C TYR A 276 -16.73 4.15 -4.26
N ARG A 277 -17.62 3.18 -4.46
CA ARG A 277 -19.01 3.48 -4.75
C ARG A 277 -19.67 3.96 -3.47
N GLU A 278 -19.40 3.25 -2.38
CA GLU A 278 -19.95 3.59 -1.07
C GLU A 278 -19.35 4.88 -0.55
N LEU A 279 -18.07 5.10 -0.82
CA LEU A 279 -17.39 6.32 -0.38
C LEU A 279 -17.99 7.53 -1.07
N GLU A 280 -18.16 7.45 -2.38
CA GLU A 280 -18.77 8.53 -3.13
C GLU A 280 -20.21 8.73 -2.66
N GLN A 281 -20.86 7.64 -2.30
CA GLN A 281 -22.24 7.67 -1.84
C GLN A 281 -22.35 8.40 -0.50
N ASN A 282 -21.50 8.01 0.45
CA ASN A 282 -21.54 8.58 1.79
C ASN A 282 -21.11 10.05 1.82
N ILE A 283 -20.18 10.43 0.97
CA ILE A 283 -19.73 11.82 0.89
C ILE A 283 -20.88 12.70 0.39
N LYS A 284 -21.62 12.20 -0.58
CA LYS A 284 -22.71 12.97 -1.18
C LYS A 284 -23.86 13.23 -0.20
N THR A 285 -23.89 12.48 0.90
CA THR A 285 -24.91 12.70 1.92
C THR A 285 -24.68 14.01 2.67
N ALA A 286 -23.49 14.56 2.52
CA ALA A 286 -23.16 15.85 3.14
C ALA A 286 -24.09 16.93 2.60
N ASP A 287 -24.84 17.56 3.50
CA ASP A 287 -25.83 18.56 3.11
C ASP A 287 -25.67 19.82 3.95
N ALA A 288 -25.12 20.86 3.34
CA ALA A 288 -24.85 22.12 4.03
C ALA A 288 -26.11 22.72 4.64
N VAL A 289 -27.21 22.66 3.91
CA VAL A 289 -28.46 23.27 4.36
C VAL A 289 -28.97 22.61 5.64
N GLU A 290 -28.86 21.28 5.70
CA GLU A 290 -29.31 20.55 6.88
C GLU A 290 -28.48 20.92 8.11
N ASP A 291 -27.16 21.02 7.91
CA ASP A 291 -26.25 21.39 8.99
C ASP A 291 -26.51 22.82 9.45
N LEU A 292 -26.78 23.71 8.49
CA LEU A 292 -27.05 25.11 8.79
C LEU A 292 -28.37 25.30 9.54
N ARG A 293 -29.39 24.54 9.15
CA ARG A 293 -30.69 24.62 9.80
C ARG A 293 -30.58 24.16 11.25
N TRP A 294 -29.72 23.19 11.51
CA TRP A 294 -29.52 22.68 12.85
C TRP A 294 -28.93 23.76 13.75
N PHE A 295 -27.82 24.36 13.30
CA PHE A 295 -27.13 25.36 14.09
C PHE A 295 -28.07 26.52 14.37
N ARG A 296 -28.90 26.86 13.38
CA ARG A 296 -29.87 27.93 13.54
C ARG A 296 -30.87 27.63 14.65
N ALA A 297 -31.34 26.38 14.70
CA ALA A 297 -32.40 26.00 15.62
C ALA A 297 -31.88 25.85 17.05
N ASN A 298 -30.72 25.22 17.19
CA ASN A 298 -30.21 24.84 18.50
C ASN A 298 -29.13 25.77 19.04
N GLN A 299 -28.71 26.73 18.21
CA GLN A 299 -27.58 27.60 18.57
C GLN A 299 -27.74 29.02 18.05
N GLY A 300 -28.81 29.27 17.29
CA GLY A 300 -29.01 30.54 16.63
C GLY A 300 -30.38 31.14 16.88
N PRO A 301 -30.82 32.05 16.00
CA PRO A 301 -32.11 32.74 16.09
C PRO A 301 -33.31 31.80 16.28
N GLY A 302 -33.15 30.52 15.93
CA GLY A 302 -34.23 29.57 16.05
C GLY A 302 -34.53 29.17 17.48
N MET A 303 -33.59 29.44 18.38
CA MET A 303 -33.77 29.09 19.80
C MET A 303 -34.90 29.90 20.42
N SER A 304 -35.65 29.25 21.31
CA SER A 304 -36.73 29.92 22.02
C SER A 304 -36.16 31.01 22.92
N MET A 305 -37.00 31.96 23.30
CA MET A 305 -36.55 33.10 24.10
C MET A 305 -37.68 33.61 25.00
N ASN A 306 -37.41 33.64 26.30
CA ASN A 306 -38.33 34.27 27.25
C ASN A 306 -38.15 35.77 27.22
N TRP A 307 -38.87 36.44 26.33
CA TRP A 307 -38.76 37.88 26.18
C TRP A 307 -39.33 38.58 27.42
N PRO A 308 -38.69 39.68 27.86
CA PRO A 308 -39.12 40.40 29.06
C PRO A 308 -40.61 40.77 29.07
N GLN A 309 -41.28 40.41 30.16
CA GLN A 309 -42.67 40.78 30.40
C GLN A 309 -42.76 41.65 31.65
N PHE A 310 -43.97 42.00 32.03
CA PHE A 310 -44.21 42.69 33.30
C PHE A 310 -44.19 41.66 34.42
N GLU A 311 -43.46 41.97 35.49
CA GLU A 311 -43.41 41.09 36.67
C GLU A 311 -43.38 41.92 37.95
N ASP A 312 -44.23 41.53 38.91
CA ASP A 312 -44.39 42.27 40.16
C ASP A 312 -43.84 41.48 41.34
N ASP A 313 -44.19 41.91 42.56
CA ASP A 313 -43.69 41.28 43.78
C ASP A 313 -42.19 41.44 43.89
N SER B 24 -30.62 32.34 30.52
CA SER B 24 -30.58 31.06 29.84
C SER B 24 -29.47 31.05 28.80
N ASP B 25 -29.43 29.97 28.00
CA ASP B 25 -28.40 29.81 26.98
C ASP B 25 -28.89 30.26 25.61
N SER B 26 -30.04 30.94 25.58
CA SER B 26 -30.64 31.35 24.31
C SER B 26 -29.79 32.36 23.56
N PHE B 27 -29.73 32.18 22.24
CA PHE B 27 -28.99 33.07 21.35
C PHE B 27 -29.42 34.53 21.54
N TRP B 28 -30.69 34.72 21.88
CA TRP B 28 -31.26 36.06 21.99
C TRP B 28 -30.85 36.78 23.28
N GLU B 29 -30.39 36.03 24.27
CA GLU B 29 -29.84 36.62 25.48
C GLU B 29 -28.56 37.37 25.12
N VAL B 30 -28.30 38.47 25.83
CA VAL B 30 -27.14 39.30 25.55
C VAL B 30 -25.84 38.51 25.63
N GLY B 31 -25.07 38.54 24.54
CA GLY B 31 -23.74 37.93 24.53
C GLY B 31 -23.69 36.49 24.06
N ASN B 32 -24.86 35.88 23.82
CA ASN B 32 -24.92 34.47 23.44
C ASN B 32 -24.73 34.22 21.94
N TYR B 33 -24.21 35.22 21.24
CA TYR B 33 -23.86 35.07 19.84
C TYR B 33 -22.47 34.48 19.70
N LYS B 34 -21.79 34.27 20.83
CA LYS B 34 -20.39 33.85 20.83
C LYS B 34 -20.15 32.49 20.18
N ARG B 35 -21.12 31.59 20.31
CA ARG B 35 -21.00 30.28 19.68
C ARG B 35 -20.93 30.40 18.16
N THR B 36 -21.64 31.38 17.62
CA THR B 36 -21.64 31.62 16.19
C THR B 36 -20.30 32.20 15.75
N VAL B 37 -19.77 33.12 16.55
CA VAL B 37 -18.49 33.75 16.26
C VAL B 37 -17.37 32.72 16.36
N LYS B 38 -17.47 31.82 17.33
CA LYS B 38 -16.45 30.80 17.54
C LYS B 38 -16.39 29.82 16.38
N ARG B 39 -17.53 29.59 15.74
CA ARG B 39 -17.59 28.64 14.62
C ARG B 39 -16.68 29.09 13.49
N ILE B 40 -16.50 30.40 13.35
CA ILE B 40 -15.64 30.94 12.32
C ILE B 40 -14.19 30.50 12.53
N ASP B 41 -13.71 30.63 13.76
CA ASP B 41 -12.35 30.22 14.10
C ASP B 41 -12.19 28.72 13.90
N ASP B 42 -13.20 27.95 14.28
CA ASP B 42 -13.18 26.50 14.13
C ASP B 42 -13.08 26.11 12.66
N GLY B 43 -13.62 26.97 11.79
CA GLY B 43 -13.56 26.74 10.36
C GLY B 43 -12.13 26.67 9.86
N HIS B 44 -11.31 27.62 10.29
CA HIS B 44 -9.91 27.66 9.89
C HIS B 44 -9.15 26.47 10.46
N ARG B 45 -9.44 26.14 11.71
CA ARG B 45 -8.79 25.01 12.37
C ARG B 45 -9.12 23.69 11.65
N LEU B 46 -10.34 23.57 11.17
CA LEU B 46 -10.77 22.35 10.50
C LEU B 46 -10.13 22.18 9.13
N CYS B 47 -9.78 23.30 8.50
CA CYS B 47 -9.04 23.25 7.24
C CYS B 47 -7.65 22.66 7.49
N ASN B 48 -7.05 23.01 8.61
CA ASN B 48 -5.75 22.45 8.98
C ASN B 48 -5.84 20.95 9.21
N ASP B 49 -6.85 20.52 9.95
CA ASP B 49 -7.05 19.10 10.23
C ASP B 49 -7.21 18.31 8.94
N LEU B 50 -8.01 18.84 8.01
CA LEU B 50 -8.27 18.15 6.75
C LEU B 50 -7.00 18.07 5.91
N MET B 51 -6.23 19.15 5.87
CA MET B 51 -4.96 19.16 5.15
C MET B 51 -4.00 18.15 5.75
N ASN B 52 -3.87 18.16 7.07
CA ASN B 52 -3.02 17.20 7.76
C ASN B 52 -3.49 15.76 7.53
N CYS B 53 -4.81 15.58 7.54
CA CYS B 53 -5.40 14.26 7.31
C CYS B 53 -5.03 13.70 5.94
N ILE B 54 -5.09 14.56 4.93
CA ILE B 54 -4.76 14.16 3.57
C ILE B 54 -3.25 13.94 3.43
N HIS B 55 -2.47 14.81 4.06
CA HIS B 55 -1.01 14.73 4.00
C HIS B 55 -0.52 13.41 4.57
N GLU B 56 -1.05 13.02 5.73
CA GLU B 56 -0.65 11.78 6.37
C GLU B 56 -1.05 10.57 5.55
N ARG B 57 -2.15 10.69 4.81
CA ARG B 57 -2.60 9.61 3.95
C ARG B 57 -1.67 9.50 2.76
N ALA B 58 -1.30 10.64 2.19
CA ALA B 58 -0.39 10.68 1.06
C ALA B 58 0.96 10.06 1.42
N ARG B 59 1.40 10.28 2.65
CA ARG B 59 2.68 9.73 3.08
C ARG B 59 2.64 8.20 3.10
N ILE B 60 1.49 7.65 3.48
CA ILE B 60 1.33 6.19 3.52
C ILE B 60 1.41 5.60 2.12
N GLU B 61 0.87 6.32 1.14
CA GLU B 61 0.89 5.88 -0.25
C GLU B 61 2.33 5.83 -0.77
N LYS B 62 3.15 6.80 -0.34
CA LYS B 62 4.53 6.87 -0.77
C LYS B 62 5.35 5.71 -0.21
N VAL B 63 5.14 5.40 1.07
CA VAL B 63 5.85 4.30 1.72
C VAL B 63 5.56 2.99 1.00
N TYR B 64 4.30 2.80 0.63
CA TYR B 64 3.90 1.58 -0.08
C TYR B 64 4.59 1.51 -1.43
N ALA B 65 4.62 2.64 -2.13
CA ALA B 65 5.25 2.73 -3.44
C ALA B 65 6.76 2.46 -3.33
N GLN B 66 7.39 3.02 -2.32
CA GLN B 66 8.83 2.90 -2.14
C GLN B 66 9.24 1.46 -1.84
N GLN B 67 8.47 0.79 -0.99
CA GLN B 67 8.78 -0.57 -0.61
C GLN B 67 8.61 -1.55 -1.77
N LEU B 68 7.61 -1.29 -2.61
CA LEU B 68 7.40 -2.11 -3.80
C LEU B 68 8.57 -1.94 -4.76
N THR B 69 9.05 -0.70 -4.88
CA THR B 69 10.17 -0.39 -5.76
C THR B 69 11.44 -1.11 -5.30
N GLU B 70 11.71 -1.04 -3.99
CA GLU B 70 12.87 -1.73 -3.44
C GLU B 70 12.74 -3.23 -3.63
N TRP B 71 11.54 -3.76 -3.38
CA TRP B 71 11.28 -5.18 -3.53
C TRP B 71 11.48 -5.63 -4.97
N ALA B 72 10.99 -4.84 -5.92
CA ALA B 72 11.13 -5.15 -7.33
C ALA B 72 12.59 -5.10 -7.76
N LYS B 73 13.29 -4.06 -7.32
CA LYS B 73 14.70 -3.89 -7.66
C LYS B 73 15.54 -5.01 -7.04
N ARG B 74 15.22 -5.37 -5.81
CA ARG B 74 15.94 -6.41 -5.10
C ARG B 74 15.83 -7.76 -5.82
N TRP B 75 14.62 -8.16 -6.15
CA TRP B 75 14.38 -9.49 -6.68
C TRP B 75 14.66 -9.62 -8.18
N LYS B 76 14.61 -8.51 -8.91
CA LYS B 76 15.04 -8.54 -10.31
C LYS B 76 16.52 -8.88 -10.36
N GLN B 77 17.25 -8.42 -9.34
CA GLN B 77 18.67 -8.69 -9.24
C GLN B 77 18.94 -10.11 -8.77
N LEU B 78 18.11 -10.60 -7.85
CA LEU B 78 18.28 -11.94 -7.29
C LEU B 78 17.91 -13.03 -8.30
N VAL B 79 16.93 -12.75 -9.15
CA VAL B 79 16.51 -13.70 -10.17
C VAL B 79 17.53 -13.75 -11.31
N GLU B 80 18.04 -12.59 -11.70
CA GLU B 80 19.00 -12.50 -12.80
C GLU B 80 20.33 -13.13 -12.44
N LYS B 81 20.77 -12.93 -11.19
CA LYS B 81 22.01 -13.52 -10.71
C LYS B 81 21.88 -15.02 -10.48
N GLY B 82 20.64 -15.47 -10.31
CA GLY B 82 20.38 -16.87 -9.98
C GLY B 82 20.35 -17.79 -11.18
N PRO B 83 20.20 -19.10 -10.93
CA PRO B 83 20.26 -20.15 -11.95
C PRO B 83 19.02 -20.29 -12.83
N GLN B 84 18.00 -19.46 -12.60
CA GLN B 84 16.79 -19.52 -13.41
C GLN B 84 16.94 -18.66 -14.67
N TYR B 85 16.74 -19.29 -15.83
CA TYR B 85 16.82 -18.59 -17.11
C TYR B 85 15.60 -18.93 -17.97
N GLY B 86 15.65 -18.55 -19.23
CA GLY B 86 14.61 -18.91 -20.18
C GLY B 86 13.33 -18.13 -20.00
N THR B 87 12.23 -18.70 -20.50
CA THR B 87 10.94 -18.03 -20.49
C THR B 87 10.38 -17.91 -19.07
N VAL B 88 10.71 -18.87 -18.21
CA VAL B 88 10.23 -18.85 -16.83
C VAL B 88 10.90 -17.71 -16.06
N GLU B 89 12.15 -17.42 -16.40
CA GLU B 89 12.84 -16.29 -15.80
C GLU B 89 12.10 -15.00 -16.16
N ARG B 90 11.72 -14.88 -17.42
CA ARG B 90 11.02 -13.69 -17.90
C ARG B 90 9.65 -13.57 -17.25
N ALA B 91 8.99 -14.72 -17.05
CA ALA B 91 7.68 -14.75 -16.40
C ALA B 91 7.81 -14.30 -14.95
N TRP B 92 8.86 -14.78 -14.29
CA TRP B 92 9.14 -14.42 -12.91
C TRP B 92 9.40 -12.91 -12.81
N CYS B 93 10.18 -12.38 -13.76
CA CYS B 93 10.51 -10.96 -13.74
C CYS B 93 9.29 -10.07 -13.97
N ALA B 94 8.28 -10.61 -14.65
CA ALA B 94 7.05 -9.86 -14.89
C ALA B 94 6.37 -9.53 -13.57
N PHE B 95 6.56 -10.41 -12.59
CA PHE B 95 6.01 -10.23 -11.25
C PHE B 95 6.57 -8.95 -10.62
N MET B 96 7.86 -8.71 -10.78
CA MET B 96 8.47 -7.50 -10.23
C MET B 96 8.06 -6.26 -11.00
N SER B 97 7.86 -6.39 -12.31
CA SER B 97 7.42 -5.28 -13.14
C SER B 97 6.04 -4.79 -12.70
N GLU B 98 5.21 -5.72 -12.25
CA GLU B 98 3.89 -5.38 -11.73
C GLU B 98 4.03 -4.47 -10.51
N ALA B 99 4.97 -4.81 -9.63
CA ALA B 99 5.20 -4.01 -8.44
C ALA B 99 5.65 -2.59 -8.80
N GLU B 100 6.46 -2.48 -9.84
CA GLU B 100 6.97 -1.19 -10.27
C GLU B 100 5.85 -0.31 -10.82
N LYS B 101 4.91 -0.93 -11.53
CA LYS B 101 3.79 -0.19 -12.11
C LYS B 101 2.80 0.24 -11.04
N VAL B 102 2.51 -0.68 -10.11
CA VAL B 102 1.63 -0.37 -8.99
C VAL B 102 2.24 0.75 -8.14
N SER B 103 3.56 0.70 -7.99
CA SER B 103 4.29 1.71 -7.24
C SER B 103 4.10 3.09 -7.87
N GLU B 104 4.24 3.15 -9.19
CA GLU B 104 4.10 4.40 -9.92
C GLU B 104 2.68 4.94 -9.77
N LEU B 105 1.71 4.03 -9.81
CA LEU B 105 0.32 4.41 -9.67
C LEU B 105 0.05 5.08 -8.33
N HIS B 106 0.58 4.49 -7.26
CA HIS B 106 0.37 5.03 -5.92
C HIS B 106 1.12 6.34 -5.71
N LEU B 107 2.17 6.57 -6.47
CA LEU B 107 2.88 7.84 -6.40
C LEU B 107 2.08 8.93 -7.09
N GLU B 108 1.25 8.55 -8.05
CA GLU B 108 0.34 9.50 -8.69
C GLU B 108 -0.78 9.86 -7.72
N VAL B 109 -1.17 8.91 -6.88
CA VAL B 109 -2.17 9.17 -5.85
C VAL B 109 -1.64 10.22 -4.90
N LYS B 110 -0.43 10.02 -4.40
CA LYS B 110 0.22 10.99 -3.53
C LYS B 110 0.28 12.34 -4.21
N GLY B 111 0.77 12.36 -5.44
CA GLY B 111 0.91 13.58 -6.21
C GLY B 111 -0.39 14.35 -6.31
N SER B 112 -1.47 13.64 -6.61
CA SER B 112 -2.78 14.26 -6.74
C SER B 112 -3.28 14.79 -5.40
N LEU B 113 -3.08 14.01 -4.34
CA LEU B 113 -3.54 14.41 -3.01
C LEU B 113 -2.82 15.67 -2.55
N MET B 114 -1.54 15.79 -2.91
CA MET B 114 -0.71 16.89 -2.43
C MET B 114 -0.70 18.10 -3.37
N ASN B 115 -0.50 17.85 -4.65
CA ASN B 115 -0.35 18.95 -5.61
C ASN B 115 -1.69 19.58 -6.00
N GLU B 116 -2.78 18.83 -5.82
CA GLU B 116 -4.11 19.33 -6.15
C GLU B 116 -4.99 19.50 -4.90
N ASP B 117 -5.36 18.39 -4.28
CA ASP B 117 -6.31 18.43 -3.17
C ASP B 117 -5.80 19.20 -1.96
N PHE B 118 -4.61 18.85 -1.49
CA PHE B 118 -4.00 19.52 -0.34
C PHE B 118 -3.78 21.00 -0.61
N GLU B 119 -3.27 21.30 -1.80
CA GLU B 119 -2.95 22.68 -2.16
C GLU B 119 -4.22 23.50 -2.37
N LYS B 120 -5.29 22.82 -2.78
CA LYS B 120 -6.57 23.49 -3.02
C LYS B 120 -7.16 23.99 -1.69
N ILE B 121 -7.02 23.18 -0.65
CA ILE B 121 -7.50 23.57 0.68
C ILE B 121 -6.64 24.71 1.21
N LYS B 122 -5.33 24.62 0.98
CA LYS B 122 -4.39 25.62 1.46
C LYS B 122 -4.71 26.99 0.86
N ASN B 123 -4.99 27.01 -0.44
CA ASN B 123 -5.33 28.25 -1.12
C ASN B 123 -6.68 28.80 -0.64
N TRP B 124 -7.63 27.89 -0.45
CA TRP B 124 -8.97 28.28 -0.02
C TRP B 124 -8.92 28.93 1.37
N GLN B 125 -8.19 28.30 2.28
CA GLN B 125 -8.03 28.79 3.64
C GLN B 125 -7.36 30.17 3.64
N LYS B 126 -6.39 30.35 2.74
CA LYS B 126 -5.65 31.60 2.63
C LYS B 126 -6.56 32.75 2.19
N GLU B 127 -7.53 32.43 1.34
CA GLU B 127 -8.44 33.45 0.80
C GLU B 127 -9.61 33.73 1.74
N ALA B 128 -9.94 32.75 2.58
CA ALA B 128 -11.11 32.86 3.45
C ALA B 128 -10.78 33.49 4.80
N PHE B 129 -9.59 33.19 5.31
CA PHE B 129 -9.18 33.65 6.63
C PHE B 129 -7.96 34.56 6.57
N HIS B 130 -8.07 35.71 7.21
CA HIS B 130 -6.99 36.69 7.24
C HIS B 130 -6.62 37.05 8.67
N LYS B 131 -5.40 36.66 9.07
CA LYS B 131 -4.96 36.83 10.45
C LYS B 131 -4.62 38.28 10.75
N GLN B 132 -5.04 38.74 11.93
CA GLN B 132 -4.78 40.12 12.36
C GLN B 132 -3.47 40.20 13.13
N MET B 133 -2.90 41.40 13.16
CA MET B 133 -1.64 41.66 13.87
C MET B 133 -1.72 41.23 15.32
N MET B 134 -2.85 41.51 15.96
CA MET B 134 -3.04 41.21 17.39
C MET B 134 -3.53 39.79 17.61
N GLY B 135 -3.52 38.97 16.55
CA GLY B 135 -4.03 37.62 16.62
C GLY B 135 -5.52 37.59 16.34
N GLY B 136 -6.01 36.46 15.89
CA GLY B 136 -7.41 36.31 15.51
C GLY B 136 -7.62 36.71 14.07
N PHE B 137 -8.77 36.34 13.52
CA PHE B 137 -9.08 36.60 12.11
C PHE B 137 -10.03 37.77 11.97
N LYS B 138 -9.86 38.54 10.90
CA LYS B 138 -10.71 39.69 10.61
C LYS B 138 -12.16 39.24 10.48
N GLU B 139 -12.36 38.05 9.92
CA GLU B 139 -13.69 37.50 9.73
C GLU B 139 -14.40 37.31 11.07
N THR B 140 -13.64 36.88 12.08
CA THR B 140 -14.18 36.67 13.42
C THR B 140 -14.55 38.00 14.07
N LYS B 141 -13.63 38.96 13.98
CA LYS B 141 -13.85 40.29 14.55
C LYS B 141 -15.05 40.96 13.89
N GLU B 142 -15.18 40.79 12.58
CA GLU B 142 -16.25 41.41 11.82
C GLU B 142 -17.64 40.92 12.29
N ALA B 143 -17.72 39.64 12.62
CA ALA B 143 -18.97 39.05 13.08
C ALA B 143 -19.30 39.54 14.48
N GLU B 144 -18.30 39.53 15.36
CA GLU B 144 -18.49 39.97 16.73
C GLU B 144 -18.89 41.45 16.78
N ASP B 145 -18.19 42.27 16.01
CA ASP B 145 -18.51 43.69 15.93
C ASP B 145 -19.90 43.88 15.35
N GLY B 146 -20.29 42.97 14.45
CA GLY B 146 -21.61 43.03 13.84
C GLY B 146 -22.71 42.74 14.84
N PHE B 147 -22.54 41.67 15.62
CA PHE B 147 -23.52 41.28 16.63
C PHE B 147 -23.68 42.37 17.69
N ARG B 148 -22.55 42.93 18.14
CA ARG B 148 -22.57 43.97 19.15
C ARG B 148 -23.35 45.19 18.67
N LYS B 149 -23.09 45.60 17.44
CA LYS B 149 -23.75 46.77 16.86
C LYS B 149 -25.27 46.57 16.81
N ALA B 150 -25.67 45.33 16.56
CA ALA B 150 -27.10 45.01 16.43
C ALA B 150 -27.76 44.86 17.79
N GLN B 151 -26.96 44.49 18.78
CA GLN B 151 -27.49 44.13 20.10
C GLN B 151 -27.43 45.29 21.09
N LYS B 152 -26.58 46.28 20.82
CA LYS B 152 -26.35 47.37 21.76
C LYS B 152 -27.59 48.21 22.07
N PRO B 153 -28.33 48.63 21.02
CA PRO B 153 -29.54 49.43 21.29
C PRO B 153 -30.56 48.69 22.15
N TRP B 154 -30.70 47.39 21.92
CA TRP B 154 -31.65 46.57 22.66
C TRP B 154 -31.14 46.30 24.07
N ALA B 155 -29.82 46.26 24.22
CA ALA B 155 -29.20 46.01 25.51
C ALA B 155 -29.33 47.23 26.43
N LYS B 156 -29.34 48.42 25.83
CA LYS B 156 -29.51 49.66 26.58
C LYS B 156 -30.93 49.76 27.14
N LYS B 157 -31.92 49.47 26.31
CA LYS B 157 -33.30 49.53 26.73
C LYS B 157 -33.57 48.46 27.79
N LEU B 158 -32.91 47.31 27.66
CA LEU B 158 -33.07 46.23 28.61
C LEU B 158 -32.50 46.64 29.97
N LYS B 159 -31.44 47.45 29.95
CA LYS B 159 -30.82 47.94 31.16
C LYS B 159 -31.77 48.86 31.90
N GLU B 160 -32.53 49.65 31.15
CA GLU B 160 -33.48 50.59 31.72
C GLU B 160 -34.67 49.87 32.34
N VAL B 161 -35.08 48.76 31.74
CA VAL B 161 -36.19 47.98 32.25
C VAL B 161 -35.83 47.35 33.59
N GLU B 162 -34.59 46.89 33.71
CA GLU B 162 -34.13 46.28 34.95
C GLU B 162 -34.15 47.29 36.09
N ALA B 163 -33.73 48.52 35.80
CA ALA B 163 -33.70 49.57 36.81
C ALA B 163 -35.11 49.97 37.22
N ALA B 164 -35.99 50.10 36.24
CA ALA B 164 -37.37 50.47 36.51
C ALA B 164 -38.10 49.36 37.26
N LYS B 165 -37.65 48.12 37.08
CA LYS B 165 -38.23 46.98 37.77
C LYS B 165 -37.90 47.05 39.25
N LYS B 166 -36.65 47.39 39.56
CA LYS B 166 -36.22 47.56 40.94
C LYS B 166 -37.01 48.66 41.62
N ALA B 167 -37.13 49.80 40.95
CA ALA B 167 -37.83 50.96 41.49
C ALA B 167 -39.29 50.65 41.78
N TYR B 168 -39.91 49.88 40.90
CA TYR B 168 -41.31 49.52 41.07
C TYR B 168 -41.49 48.50 42.20
N HIS B 169 -40.61 47.51 42.24
CA HIS B 169 -40.67 46.49 43.28
C HIS B 169 -40.36 47.08 44.65
N ALA B 170 -39.51 48.10 44.68
CA ALA B 170 -39.15 48.76 45.92
C ALA B 170 -40.32 49.56 46.47
N ALA B 171 -40.99 50.28 45.60
CA ALA B 171 -42.13 51.10 46.00
C ALA B 171 -43.30 50.21 46.41
N CYS B 172 -43.39 49.02 45.83
CA CYS B 172 -44.45 48.08 46.17
C CYS B 172 -44.30 47.58 47.60
N LYS B 173 -43.05 47.47 48.06
CA LYS B 173 -42.77 47.02 49.43
C LYS B 173 -42.85 48.19 50.40
N GLU B 174 -42.37 49.35 49.99
CA GLU B 174 -42.46 50.55 50.81
C GLU B 174 -43.92 50.91 51.07
N GLU B 175 -44.79 50.56 50.12
CA GLU B 175 -46.21 50.83 50.24
C GLU B 175 -46.88 49.73 51.06
N LYS B 176 -46.27 48.55 51.08
CA LYS B 176 -46.79 47.43 51.85
C LYS B 176 -46.35 47.53 53.30
N LEU B 177 -45.21 48.17 53.52
CA LEU B 177 -44.67 48.36 54.87
C LEU B 177 -45.37 49.51 55.58
N ALA B 178 -46.03 50.37 54.80
CA ALA B 178 -46.78 51.49 55.37
C ALA B 178 -48.14 51.04 55.86
N ILE B 179 -48.79 50.18 55.09
CA ILE B 179 -50.08 49.62 55.48
C ILE B 179 -49.89 48.70 56.68
N SER B 180 -48.75 48.03 56.75
CA SER B 180 -48.44 47.12 57.85
C SER B 180 -48.04 47.89 59.10
N ARG B 181 -48.03 49.22 59.02
CA ARG B 181 -47.78 50.08 60.17
C ARG B 181 -49.04 50.83 60.56
N GLU B 182 -49.92 51.06 59.58
CA GLU B 182 -51.18 51.75 59.83
C GLU B 182 -52.16 50.83 60.56
N THR B 183 -52.22 49.58 60.13
CA THR B 183 -53.12 48.61 60.76
C THR B 183 -52.55 48.15 62.10
N ASN B 184 -51.23 48.17 62.22
CA ASN B 184 -50.57 47.76 63.46
C ASN B 184 -50.63 48.86 64.52
N SER B 185 -51.10 50.04 64.14
CA SER B 185 -51.22 51.16 65.07
C SER B 185 -52.63 51.23 65.65
N LYS B 186 -53.56 50.47 65.06
CA LYS B 186 -54.94 50.48 65.52
C LYS B 186 -55.15 49.52 66.71
N ALA B 187 -54.05 49.17 67.37
CA ALA B 187 -54.10 48.36 68.59
C ALA B 187 -53.70 49.22 69.77
N ASP B 188 -52.82 50.19 69.52
CA ASP B 188 -52.38 51.14 70.53
C ASP B 188 -53.53 52.08 70.88
N PRO B 189 -53.93 52.10 72.17
CA PRO B 189 -55.05 52.99 72.53
C PRO B 189 -54.69 54.46 72.42
N ALA B 190 -53.47 54.81 72.83
CA ALA B 190 -53.00 56.20 72.72
C ALA B 190 -52.78 56.58 71.26
N LEU B 191 -53.87 56.62 70.51
CA LEU B 191 -53.82 56.87 69.07
C LEU B 191 -54.69 58.06 68.69
N ASN B 192 -54.12 59.25 68.78
CA ASN B 192 -54.84 60.46 68.38
C ASN B 192 -54.87 60.58 66.86
N PRO B 193 -55.76 61.43 66.32
CA PRO B 193 -55.95 61.52 64.86
C PRO B 193 -54.71 61.96 64.09
N GLU B 194 -53.81 62.70 64.74
CA GLU B 194 -52.59 63.17 64.08
C GLU B 194 -51.71 61.98 63.70
N GLN B 195 -51.66 60.99 64.57
CA GLN B 195 -50.87 59.79 64.33
C GLN B 195 -51.53 58.93 63.25
N LEU B 196 -52.85 59.05 63.12
CA LEU B 196 -53.57 58.30 62.10
C LEU B 196 -53.43 58.97 60.74
N LYS B 197 -53.59 60.29 60.71
CA LYS B 197 -53.47 61.05 59.46
C LYS B 197 -52.06 60.93 58.91
N LYS B 198 -51.08 60.84 59.81
CA LYS B 198 -49.69 60.67 59.42
C LYS B 198 -49.51 59.34 58.67
N LEU B 199 -50.10 58.29 59.21
CA LEU B 199 -49.98 56.96 58.63
C LEU B 199 -50.85 56.80 57.40
N GLN B 200 -51.97 57.51 57.37
CA GLN B 200 -52.88 57.46 56.22
C GLN B 200 -52.31 58.22 55.03
N ASP B 201 -51.45 59.20 55.30
CA ASP B 201 -50.81 59.97 54.24
C ASP B 201 -49.55 59.26 53.76
N LYS B 202 -48.89 58.52 54.65
CA LYS B 202 -47.74 57.72 54.29
C LYS B 202 -48.15 56.65 53.28
N VAL B 203 -49.38 56.15 53.44
CA VAL B 203 -49.92 55.14 52.54
C VAL B 203 -50.31 55.78 51.20
N GLU B 204 -50.89 56.98 51.26
CA GLU B 204 -51.30 57.68 50.06
C GLU B 204 -50.08 58.10 49.24
N ARG B 205 -49.04 58.54 49.93
CA ARG B 205 -47.81 58.95 49.28
C ARG B 205 -47.11 57.75 48.65
N SER B 206 -47.21 56.61 49.33
CA SER B 206 -46.61 55.38 48.83
C SER B 206 -47.45 54.78 47.71
N LYS B 207 -48.76 54.95 47.80
CA LYS B 207 -49.66 54.49 46.75
C LYS B 207 -49.34 55.20 45.43
N GLN B 208 -48.95 56.46 45.54
CA GLN B 208 -48.62 57.26 44.36
C GLN B 208 -47.24 56.91 43.85
N ASP B 209 -46.34 56.59 44.78
CA ASP B 209 -44.96 56.23 44.42
C ASP B 209 -44.96 54.91 43.64
N VAL B 210 -45.97 54.09 43.87
CA VAL B 210 -46.11 52.82 43.15
C VAL B 210 -46.63 53.06 41.75
N LEU B 211 -47.70 53.83 41.63
CA LEU B 211 -48.31 54.11 40.35
C LEU B 211 -47.34 54.84 39.41
N LYS B 212 -46.48 55.68 39.99
CA LYS B 212 -45.50 56.42 39.22
C LYS B 212 -44.46 55.48 38.62
N THR B 213 -43.97 54.56 39.45
CA THR B 213 -42.94 53.62 39.03
C THR B 213 -43.51 52.52 38.15
N LYS B 214 -44.76 52.14 38.40
CA LYS B 214 -45.42 51.12 37.59
C LYS B 214 -45.55 51.62 36.15
N ALA B 215 -45.79 52.91 36.00
CA ALA B 215 -45.94 53.52 34.68
C ALA B 215 -44.59 53.55 33.95
N LYS B 216 -43.57 54.04 34.64
CA LYS B 216 -42.23 54.12 34.06
C LYS B 216 -41.69 52.73 33.73
N TYR B 217 -42.02 51.76 34.58
CA TYR B 217 -41.60 50.38 34.36
C TYR B 217 -42.39 49.75 33.22
N GLU B 218 -43.63 50.19 33.05
CA GLU B 218 -44.46 49.74 31.93
C GLU B 218 -44.04 50.42 30.63
N LYS B 219 -43.58 51.66 30.76
CA LYS B 219 -43.16 52.44 29.60
C LYS B 219 -41.88 51.86 29.00
N SER B 220 -40.94 51.51 29.87
CA SER B 220 -39.66 50.98 29.44
C SER B 220 -39.83 49.63 28.75
N LEU B 221 -40.89 48.91 29.11
CA LEU B 221 -41.19 47.63 28.46
C LEU B 221 -41.73 47.84 27.06
N LYS B 222 -42.58 48.87 26.90
CA LYS B 222 -43.15 49.17 25.59
C LYS B 222 -42.05 49.62 24.64
N GLU B 223 -41.12 50.43 25.14
CA GLU B 223 -40.01 50.91 24.35
C GLU B 223 -39.10 49.76 23.94
N LEU B 224 -39.05 48.73 24.79
CA LEU B 224 -38.25 47.54 24.51
C LEU B 224 -38.94 46.70 23.45
N ASP B 225 -40.25 46.51 23.59
CA ASP B 225 -41.02 45.73 22.64
C ASP B 225 -41.02 46.39 21.26
N ASN B 226 -40.89 47.71 21.24
CA ASN B 226 -40.85 48.45 19.99
C ASN B 226 -39.47 48.38 19.34
N ALA B 227 -38.50 47.87 20.08
CA ALA B 227 -37.12 47.78 19.60
C ALA B 227 -36.75 46.32 19.27
N THR B 228 -37.60 45.39 19.67
CA THR B 228 -37.35 43.97 19.43
C THR B 228 -37.33 43.61 17.94
N PRO B 229 -38.29 44.13 17.16
CA PRO B 229 -38.30 43.81 15.72
C PRO B 229 -36.99 44.20 15.02
N GLN B 230 -36.52 45.42 15.26
CA GLN B 230 -35.27 45.88 14.66
C GLN B 230 -34.09 45.08 15.20
N TYR B 231 -34.15 44.76 16.49
CA TYR B 231 -33.11 43.97 17.13
C TYR B 231 -33.02 42.59 16.50
N MET B 232 -34.16 41.94 16.31
CA MET B 232 -34.20 40.60 15.73
C MET B 232 -33.81 40.63 14.25
N GLU B 233 -34.17 41.71 13.56
CA GLU B 233 -33.85 41.86 12.16
C GLU B 233 -32.34 42.00 11.97
N ASN B 234 -31.73 42.83 12.81
CA ASN B 234 -30.30 43.10 12.70
C ASN B 234 -29.44 41.90 13.08
N MET B 235 -29.87 41.15 14.09
CA MET B 235 -29.15 39.95 14.51
C MET B 235 -29.27 38.86 13.46
N GLU B 236 -30.44 38.75 12.86
CA GLU B 236 -30.68 37.80 11.78
C GLU B 236 -29.77 38.09 10.60
N GLN B 237 -29.60 39.37 10.31
CA GLN B 237 -28.82 39.81 9.18
C GLN B 237 -27.36 39.38 9.32
N VAL B 238 -26.78 39.66 10.48
CA VAL B 238 -25.39 39.29 10.76
C VAL B 238 -25.26 37.78 10.87
N PHE B 239 -26.28 37.11 11.41
CA PHE B 239 -26.24 35.66 11.57
C PHE B 239 -26.24 34.96 10.21
N GLU B 240 -26.98 35.51 9.26
CA GLU B 240 -27.07 34.92 7.93
C GLU B 240 -25.75 35.04 7.19
N GLN B 241 -25.02 36.13 7.44
CA GLN B 241 -23.69 36.29 6.87
C GLN B 241 -22.76 35.19 7.38
N CYS B 242 -22.90 34.88 8.66
CA CYS B 242 -22.11 33.82 9.28
C CYS B 242 -22.51 32.45 8.73
N GLN B 243 -23.79 32.28 8.44
CA GLN B 243 -24.30 31.02 7.89
C GLN B 243 -23.77 30.80 6.48
N GLN B 244 -23.81 31.85 5.67
CA GLN B 244 -23.34 31.77 4.29
C GLN B 244 -21.85 31.49 4.23
N PHE B 245 -21.09 32.10 5.15
CA PHE B 245 -19.65 31.87 5.22
C PHE B 245 -19.39 30.41 5.58
N GLU B 246 -20.17 29.89 6.51
CA GLU B 246 -20.07 28.49 6.90
C GLU B 246 -20.48 27.59 5.74
N GLU B 247 -21.53 27.99 5.04
CA GLU B 247 -22.04 27.22 3.90
C GLU B 247 -20.94 26.99 2.87
N LYS B 248 -20.12 28.01 2.64
CA LYS B 248 -19.01 27.92 1.70
C LYS B 248 -18.01 26.84 2.12
N ARG B 249 -17.67 26.81 3.41
CA ARG B 249 -16.71 25.83 3.90
C ARG B 249 -17.26 24.42 3.80
N LEU B 250 -18.51 24.24 4.18
CA LEU B 250 -19.14 22.92 4.16
C LEU B 250 -19.20 22.38 2.73
N ARG B 251 -19.71 23.20 1.82
CA ARG B 251 -19.83 22.79 0.43
C ARG B 251 -18.45 22.57 -0.19
N PHE B 252 -17.48 23.35 0.25
CA PHE B 252 -16.10 23.19 -0.20
C PHE B 252 -15.53 21.86 0.29
N PHE B 253 -15.76 21.55 1.57
CA PHE B 253 -15.31 20.29 2.14
C PHE B 253 -15.91 19.12 1.37
N ARG B 254 -17.19 19.21 1.04
CA ARG B 254 -17.88 18.19 0.27
C ARG B 254 -17.23 18.04 -1.10
N GLU B 255 -16.85 19.18 -1.68
CA GLU B 255 -16.25 19.19 -3.02
C GLU B 255 -14.89 18.51 -3.01
N VAL B 256 -14.03 18.90 -2.07
CA VAL B 256 -12.67 18.37 -1.99
C VAL B 256 -12.67 16.87 -1.72
N LEU B 257 -13.53 16.43 -0.79
CA LEU B 257 -13.60 15.03 -0.44
C LEU B 257 -13.96 14.16 -1.65
N LEU B 258 -14.82 14.69 -2.52
CA LEU B 258 -15.21 13.97 -3.73
C LEU B 258 -14.04 13.89 -4.70
N GLU B 259 -13.17 14.89 -4.68
CA GLU B 259 -11.99 14.88 -5.53
C GLU B 259 -10.93 13.93 -4.98
N VAL B 260 -10.86 13.82 -3.67
CA VAL B 260 -9.94 12.90 -3.02
C VAL B 260 -10.32 11.47 -3.36
N GLN B 261 -11.61 11.15 -3.30
CA GLN B 261 -12.08 9.80 -3.57
C GLN B 261 -11.81 9.42 -5.03
N LYS B 262 -11.79 10.41 -5.91
CA LYS B 262 -11.44 10.19 -7.30
C LYS B 262 -9.98 9.74 -7.40
N HIS B 263 -9.10 10.47 -6.72
CA HIS B 263 -7.66 10.22 -6.81
C HIS B 263 -7.24 8.93 -6.12
N LEU B 264 -8.02 8.49 -5.14
CA LEU B 264 -7.75 7.24 -4.44
C LEU B 264 -8.26 6.05 -5.23
N ASP B 265 -9.39 6.24 -5.91
CA ASP B 265 -10.04 5.17 -6.66
C ASP B 265 -9.19 4.73 -7.85
N LEU B 266 -8.64 3.51 -7.75
CA LEU B 266 -7.89 2.91 -8.86
C LEU B 266 -8.75 1.90 -9.61
N SER B 267 -9.97 1.69 -9.13
CA SER B 267 -10.88 0.73 -9.75
C SER B 267 -11.54 1.32 -11.00
N ASN B 268 -11.27 2.60 -11.27
CA ASN B 268 -11.86 3.28 -12.42
C ASN B 268 -10.83 3.54 -13.52
N VAL B 269 -9.57 3.67 -13.13
CA VAL B 269 -8.50 3.91 -14.10
C VAL B 269 -8.20 2.63 -14.88
N ALA B 270 -8.01 2.77 -16.19
CA ALA B 270 -7.83 1.62 -17.07
C ALA B 270 -6.42 1.03 -16.93
N SER B 271 -5.45 1.90 -16.65
CA SER B 271 -4.05 1.47 -16.55
C SER B 271 -3.84 0.46 -15.43
N TYR B 272 -4.66 0.53 -14.39
CA TYR B 272 -4.52 -0.39 -13.26
C TYR B 272 -4.90 -1.81 -13.66
N LYS B 273 -5.95 -1.94 -14.46
CA LYS B 273 -6.39 -3.24 -14.95
C LYS B 273 -5.38 -3.79 -15.94
N ASN B 274 -4.78 -2.89 -16.72
CA ASN B 274 -3.79 -3.27 -17.72
C ASN B 274 -2.53 -3.88 -17.10
N ILE B 275 -2.24 -3.51 -15.85
CA ILE B 275 -1.09 -4.06 -15.15
C ILE B 275 -1.23 -5.57 -15.02
N TYR B 276 -2.43 -6.01 -14.63
CA TYR B 276 -2.66 -7.42 -14.36
C TYR B 276 -3.11 -8.19 -15.59
N ARG B 277 -3.54 -7.47 -16.62
CA ARG B 277 -3.81 -8.09 -17.91
C ARG B 277 -2.46 -8.42 -18.56
N GLU B 278 -1.53 -7.49 -18.46
CA GLU B 278 -0.19 -7.67 -19.03
C GLU B 278 0.62 -8.68 -18.22
N LEU B 279 0.46 -8.65 -16.89
CA LEU B 279 1.17 -9.58 -16.03
C LEU B 279 0.78 -11.01 -16.37
N GLU B 280 -0.52 -11.24 -16.54
CA GLU B 280 -1.03 -12.56 -16.88
C GLU B 280 -0.48 -13.02 -18.24
N GLN B 281 -0.43 -12.10 -19.20
CA GLN B 281 0.07 -12.41 -20.52
C GLN B 281 1.53 -12.87 -20.46
N ASN B 282 2.36 -12.07 -19.79
CA ASN B 282 3.79 -12.34 -19.71
C ASN B 282 4.10 -13.65 -18.98
N ILE B 283 3.33 -13.94 -17.93
CA ILE B 283 3.51 -15.19 -17.20
C ILE B 283 3.19 -16.38 -18.12
N LYS B 284 2.18 -16.21 -18.96
CA LYS B 284 1.74 -17.30 -19.84
C LYS B 284 2.73 -17.58 -20.97
N THR B 285 3.67 -16.67 -21.21
CA THR B 285 4.71 -16.90 -22.20
C THR B 285 5.73 -17.92 -21.69
N ALA B 286 5.62 -18.26 -20.41
CA ALA B 286 6.47 -19.29 -19.82
C ALA B 286 6.19 -20.61 -20.52
N ASP B 287 7.22 -21.13 -21.20
CA ASP B 287 7.08 -22.35 -21.97
C ASP B 287 8.12 -23.37 -21.54
N ALA B 288 7.69 -24.37 -20.78
CA ALA B 288 8.58 -25.40 -20.29
C ALA B 288 9.23 -26.17 -21.43
N VAL B 289 8.47 -26.37 -22.51
CA VAL B 289 8.96 -27.11 -23.66
C VAL B 289 10.17 -26.41 -24.28
N GLU B 290 10.06 -25.09 -24.45
CA GLU B 290 11.14 -24.33 -25.07
C GLU B 290 12.40 -24.30 -24.21
N ASP B 291 12.21 -24.08 -22.91
CA ASP B 291 13.35 -24.03 -21.99
C ASP B 291 14.09 -25.36 -21.98
N LEU B 292 13.34 -26.45 -22.07
CA LEU B 292 13.93 -27.79 -22.07
C LEU B 292 14.60 -28.10 -23.40
N ARG B 293 14.02 -27.62 -24.49
CA ARG B 293 14.62 -27.81 -25.81
C ARG B 293 16.02 -27.20 -25.83
N TRP B 294 16.14 -26.01 -25.24
CA TRP B 294 17.40 -25.29 -25.24
C TRP B 294 18.46 -26.05 -24.44
N PHE B 295 18.07 -26.57 -23.28
CA PHE B 295 19.02 -27.25 -22.41
C PHE B 295 19.51 -28.54 -23.06
N ARG B 296 18.64 -29.20 -23.81
CA ARG B 296 19.00 -30.44 -24.49
C ARG B 296 20.01 -30.17 -25.59
N ALA B 297 19.82 -29.08 -26.31
CA ALA B 297 20.64 -28.76 -27.48
C ALA B 297 21.98 -28.13 -27.12
N ASN B 298 22.04 -27.44 -25.98
CA ASN B 298 23.21 -26.66 -25.61
C ASN B 298 23.91 -27.13 -24.34
N GLN B 299 23.35 -28.15 -23.69
CA GLN B 299 23.89 -28.63 -22.43
C GLN B 299 23.75 -30.15 -22.27
N GLY B 300 22.98 -30.78 -23.14
CA GLY B 300 22.66 -32.19 -23.02
C GLY B 300 22.96 -32.98 -24.29
N PRO B 301 22.27 -34.12 -24.47
CA PRO B 301 22.49 -35.03 -25.61
C PRO B 301 22.49 -34.37 -26.97
N GLY B 302 21.87 -33.19 -27.08
CA GLY B 302 21.77 -32.50 -28.35
C GLY B 302 23.08 -31.88 -28.80
N MET B 303 24.01 -31.72 -27.88
CA MET B 303 25.32 -31.14 -28.20
C MET B 303 26.05 -32.04 -29.18
N SER B 304 26.81 -31.43 -30.08
CA SER B 304 27.63 -32.18 -31.03
C SER B 304 28.74 -32.89 -30.27
N MET B 305 29.36 -33.87 -30.92
CA MET B 305 30.41 -34.66 -30.28
C MET B 305 31.38 -35.20 -31.33
N ASN B 306 32.67 -34.98 -31.08
CA ASN B 306 33.72 -35.58 -31.89
C ASN B 306 34.04 -36.97 -31.36
N TRP B 307 33.36 -37.98 -31.90
CA TRP B 307 33.57 -39.36 -31.47
C TRP B 307 34.93 -39.84 -31.94
N PRO B 308 35.64 -40.60 -31.08
CA PRO B 308 37.00 -41.08 -31.41
C PRO B 308 37.14 -41.71 -32.78
N GLN B 309 38.16 -41.27 -33.52
CA GLN B 309 38.46 -41.79 -34.84
C GLN B 309 39.89 -42.30 -34.90
N PHE B 310 40.26 -42.89 -36.03
CA PHE B 310 41.64 -43.31 -36.27
C PHE B 310 42.49 -42.08 -36.56
N GLU B 311 43.63 -41.97 -35.89
CA GLU B 311 44.52 -40.82 -36.07
C GLU B 311 45.99 -41.21 -35.91
N ASP B 312 46.85 -40.48 -36.60
CA ASP B 312 48.28 -40.75 -36.61
C ASP B 312 49.04 -39.75 -35.74
#